data_8SLU
#
_entry.id   8SLU
#
_cell.length_a   39.143
_cell.length_b   63.466
_cell.length_c   134.198
_cell.angle_alpha   90.000
_cell.angle_beta   90.000
_cell.angle_gamma   90.000
#
_symmetry.space_group_name_H-M   'P 21 21 21'
#
loop_
_entity.id
_entity.type
_entity.pdbx_description
1 polymer 'Tyrosine-protein phosphatase non-receptor type 5'
2 non-polymer 'SULFATE ION'
3 non-polymer GLYCEROL
4 water water
#
_entity_poly.entity_id   1
_entity_poly.type   'polypeptide(L)'
_entity_poly.pdbx_seq_one_letter_code
;SMSRVLQAEELHEKALDPFLLQAEFFEIPMNFVDPKEYDIPGLVRKNRYKTILPNPHSRVCLTSPDPDDPLSSYINANYI
RGYGGEEKVYIATQGPIVSTVADFWRMVWQEHTPIIVMITNIEEMNEKCTEYWPEEQVAYDGVEITVQKVIHTEDYRLRL
ISLKSGTEERGLKHYWFTSWPDQKTPDRAPPLLHLVREVEEAAQQEGPHCAPIIVHCSAGIGRTGCFIATSICCQQLRQE
GVVDILKTTCQLRQDRGGMIQTCEQYQFVHHVMSLYEKQLSH
;
_entity_poly.pdbx_strand_id   A
#
loop_
_chem_comp.id
_chem_comp.type
_chem_comp.name
_chem_comp.formula
GOL non-polymer GLYCEROL 'C3 H8 O3'
SO4 non-polymer 'SULFATE ION' 'O4 S -2'
#
# COMPACT_ATOMS: atom_id res chain seq x y z
N SER A 1 20.56 1.14 -6.50
CA SER A 1 19.81 -0.08 -6.72
C SER A 1 20.69 -1.33 -6.87
N MET A 2 20.58 -2.27 -5.92
CA MET A 2 21.03 -3.64 -6.10
C MET A 2 20.05 -4.41 -7.00
N SER A 3 20.49 -5.53 -7.55
CA SER A 3 19.66 -6.24 -8.51
C SER A 3 19.99 -7.72 -8.43
N ARG A 4 18.95 -8.56 -8.48
CA ARG A 4 19.11 -10.01 -8.58
C ARG A 4 17.96 -10.53 -9.44
N VAL A 5 18.23 -10.66 -10.72
CA VAL A 5 17.22 -11.09 -11.69
C VAL A 5 17.01 -12.59 -11.56
N LEU A 6 15.76 -12.98 -11.28
CA LEU A 6 15.39 -14.37 -11.04
C LEU A 6 14.59 -14.86 -12.23
N GLN A 7 15.08 -15.93 -12.84
CA GLN A 7 14.33 -16.71 -13.81
C GLN A 7 13.60 -17.78 -13.07
N ALA A 8 12.57 -18.30 -13.69
CA ALA A 8 11.65 -19.25 -13.10
C ALA A 8 12.31 -20.16 -12.09
N GLU A 9 13.29 -20.96 -12.54
CA GLU A 9 13.83 -21.99 -11.65
C GLU A 9 14.44 -21.36 -10.41
N GLU A 10 15.21 -20.29 -10.61
CA GLU A 10 15.88 -19.63 -9.50
C GLU A 10 14.86 -18.99 -8.55
N LEU A 11 13.76 -18.47 -9.09
CA LEU A 11 12.74 -17.86 -8.26
C LEU A 11 12.10 -18.87 -7.33
N HIS A 12 11.83 -20.09 -7.82
CA HIS A 12 11.20 -21.08 -6.95
C HIS A 12 12.13 -21.51 -5.81
N GLU A 13 13.40 -21.74 -6.12
CA GLU A 13 14.34 -22.12 -5.07
C GLU A 13 14.62 -20.97 -4.14
N LYS A 14 14.76 -19.75 -4.70
CA LYS A 14 15.03 -18.58 -3.88
C LYS A 14 13.97 -18.42 -2.82
N ALA A 15 12.69 -18.60 -3.21
CA ALA A 15 11.59 -18.43 -2.27
C ALA A 15 11.70 -19.40 -1.10
N LEU A 16 12.46 -20.48 -1.28
CA LEU A 16 12.52 -21.52 -0.29
C LEU A 16 13.88 -21.56 0.42
N ASP A 17 14.72 -20.55 0.21
CA ASP A 17 16.00 -20.43 0.91
C ASP A 17 15.92 -19.23 1.85
N PRO A 18 15.41 -19.42 3.08
CA PRO A 18 15.25 -18.27 3.98
C PRO A 18 16.57 -17.73 4.44
N PHE A 19 17.65 -18.52 4.39
CA PHE A 19 18.95 -18.01 4.83
C PHE A 19 19.48 -17.04 3.81
N LEU A 20 19.40 -17.39 2.53
CA LEU A 20 19.81 -16.42 1.50
C LEU A 20 18.88 -15.21 1.50
N LEU A 21 17.56 -15.42 1.68
CA LEU A 21 16.63 -14.29 1.65
C LEU A 21 16.97 -13.27 2.75
N GLN A 22 17.24 -13.74 3.98
CA GLN A 22 17.52 -12.77 5.02
C GLN A 22 18.90 -12.15 4.83
N ALA A 23 19.87 -12.91 4.31
CA ALA A 23 21.16 -12.32 3.96
C ALA A 23 20.98 -11.17 2.99
N GLU A 24 20.22 -11.43 1.93
CA GLU A 24 19.96 -10.39 0.95
C GLU A 24 19.15 -9.25 1.54
N PHE A 25 18.08 -9.61 2.23
CA PHE A 25 17.12 -8.60 2.69
C PHE A 25 17.76 -7.61 3.64
N PHE A 26 18.60 -8.07 4.57
CA PHE A 26 19.10 -7.14 5.57
C PHE A 26 20.31 -6.38 5.12
N GLU A 27 20.77 -6.62 3.90
CA GLU A 27 21.70 -5.74 3.22
C GLU A 27 21.03 -4.52 2.59
N ILE A 28 19.73 -4.55 2.36
CA ILE A 28 19.05 -3.44 1.70
C ILE A 28 18.90 -2.33 2.75
N PRO A 29 19.40 -1.12 2.50
CA PRO A 29 19.17 -0.01 3.45
C PRO A 29 17.69 0.30 3.62
N MET A 30 17.28 0.58 4.86
CA MET A 30 15.89 0.98 5.15
C MET A 30 15.57 2.32 4.52
N ASN A 31 16.56 3.22 4.44
CA ASN A 31 16.32 4.58 3.97
C ASN A 31 15.25 5.30 4.81
N PHE A 32 15.24 5.04 6.14
CA PHE A 32 14.35 5.81 7.02
C PHE A 32 14.83 7.25 7.13
N VAL A 33 13.89 8.17 7.35
CA VAL A 33 14.21 9.61 7.37
C VAL A 33 14.71 9.97 8.77
N ASP A 34 15.67 10.87 8.86
CA ASP A 34 16.02 11.38 10.20
C ASP A 34 14.87 12.24 10.72
N PRO A 35 14.33 11.98 11.92
CA PRO A 35 13.23 12.83 12.43
C PRO A 35 13.61 14.29 12.52
N LYS A 36 14.88 14.59 12.71
CA LYS A 36 15.37 15.97 12.74
C LYS A 36 15.35 16.63 11.33
N GLU A 37 14.68 15.94 10.38
CA GLU A 37 14.36 16.49 9.07
C GLU A 37 13.02 17.24 9.08
N TYR A 38 12.20 17.01 10.09
CA TYR A 38 10.91 17.66 10.27
C TYR A 38 10.90 18.32 11.65
N ASP A 39 11.47 19.52 11.75
CA ASP A 39 11.28 20.36 12.93
C ASP A 39 9.94 21.07 12.79
N ILE A 40 8.93 20.54 13.46
CA ILE A 40 7.57 21.03 13.29
C ILE A 40 6.86 20.69 14.59
N PRO A 41 6.59 21.67 15.44
CA PRO A 41 5.87 21.37 16.68
C PRO A 41 4.58 20.61 16.36
N GLY A 42 4.29 19.59 17.15
CA GLY A 42 3.06 18.86 17.03
C GLY A 42 3.03 17.80 15.94
N LEU A 43 4.09 17.69 15.13
CA LEU A 43 4.10 16.72 14.03
C LEU A 43 3.78 15.34 14.54
N VAL A 44 4.32 14.97 15.71
CA VAL A 44 4.14 13.64 16.24
C VAL A 44 2.68 13.28 16.37
N ARG A 45 1.81 14.26 16.63
CA ARG A 45 0.37 13.98 16.71
C ARG A 45 -0.20 13.49 15.38
N LYS A 46 0.46 13.79 14.26
CA LYS A 46 0.00 13.34 12.94
C LYS A 46 0.60 12.00 12.53
N ASN A 47 1.50 11.44 13.35
CA ASN A 47 2.24 10.22 13.04
C ASN A 47 1.86 9.09 13.97
N ARG A 48 1.49 7.96 13.39
CA ARG A 48 1.18 6.78 14.19
C ARG A 48 2.41 6.24 14.89
N TYR A 49 3.54 6.21 14.20
CA TYR A 49 4.80 5.75 14.74
C TYR A 49 5.78 6.89 14.56
N LYS A 50 6.40 7.32 15.66
CA LYS A 50 7.17 8.55 15.75
C LYS A 50 8.46 8.52 14.94
N THR A 51 8.91 7.33 14.55
CA THR A 51 10.12 7.17 13.75
C THR A 51 9.85 6.50 12.39
N ILE A 52 8.62 6.44 11.93
CA ILE A 52 8.29 6.12 10.54
C ILE A 52 7.76 7.42 9.97
N LEU A 53 8.62 8.18 9.30
CA LEU A 53 8.30 9.45 8.68
C LEU A 53 8.37 9.37 7.18
N PRO A 54 7.67 10.24 6.47
CA PRO A 54 7.72 10.21 5.00
C PRO A 54 8.98 10.87 4.51
N ASN A 55 9.70 10.21 3.61
CA ASN A 55 10.87 10.85 3.01
C ASN A 55 10.42 12.12 2.31
N PRO A 56 11.18 13.23 2.44
CA PRO A 56 10.62 14.52 2.02
C PRO A 56 10.48 14.66 0.53
N HIS A 57 11.41 14.10 -0.23
CA HIS A 57 11.41 14.29 -1.67
C HIS A 57 10.13 13.77 -2.28
N SER A 58 9.57 12.68 -1.73
CA SER A 58 8.40 12.02 -2.33
C SER A 58 7.10 12.21 -1.54
N ARG A 59 7.07 13.09 -0.54
CA ARG A 59 5.96 13.10 0.39
C ARG A 59 4.78 13.86 -0.22
N VAL A 60 3.57 13.40 0.12
CA VAL A 60 2.36 14.06 -0.36
C VAL A 60 2.10 15.27 0.52
N CYS A 61 1.95 16.45 -0.10
CA CYS A 61 1.64 17.67 0.65
C CYS A 61 0.21 18.08 0.38
N LEU A 62 -0.55 18.32 1.43
CA LEU A 62 -1.94 18.78 1.29
C LEU A 62 -1.99 20.30 1.16
N THR A 63 -2.84 20.78 0.26
CA THR A 63 -2.97 22.20 0.05
C THR A 63 -4.17 22.79 0.78
N SER A 64 -4.67 22.09 1.78
CA SER A 64 -5.75 22.61 2.61
C SER A 64 -5.34 22.47 4.09
N PRO A 65 -6.24 22.79 5.05
CA PRO A 65 -7.29 23.83 4.88
C PRO A 65 -6.58 25.18 4.78
N ASP A 66 -5.30 25.11 5.16
CA ASP A 66 -4.40 26.27 5.23
C ASP A 66 -3.09 25.79 4.62
N PRO A 67 -2.87 25.99 3.33
CA PRO A 67 -1.59 25.59 2.73
C PRO A 67 -0.37 26.26 3.38
N ASP A 68 -0.53 27.35 4.13
CA ASP A 68 0.61 28.12 4.63
C ASP A 68 1.10 27.67 6.00
N ASP A 69 0.46 26.65 6.60
CA ASP A 69 0.82 26.14 7.91
C ASP A 69 1.46 24.78 7.72
N PRO A 70 2.72 24.58 8.10
CA PRO A 70 3.41 23.33 7.70
C PRO A 70 2.82 22.09 8.35
N LEU A 71 2.01 22.25 9.38
CA LEU A 71 1.39 21.10 10.03
C LEU A 71 0.09 20.75 9.36
N SER A 72 -0.68 21.77 8.96
CA SER A 72 -1.96 21.56 8.28
C SER A 72 -1.79 20.80 6.98
N SER A 73 -0.65 20.99 6.31
CA SER A 73 -0.34 20.42 5.01
C SER A 73 0.38 19.08 5.10
N TYR A 74 0.64 18.61 6.31
CA TYR A 74 1.44 17.40 6.51
C TYR A 74 0.55 16.17 6.54
N ILE A 75 0.95 15.13 5.79
CA ILE A 75 0.38 13.81 5.99
C ILE A 75 1.48 12.78 5.80
N ASN A 76 1.36 11.69 6.54
CA ASN A 76 2.39 10.66 6.51
C ASN A 76 2.09 9.77 5.32
N ALA A 77 2.54 10.23 4.15
CA ALA A 77 2.24 9.60 2.88
C ALA A 77 3.33 9.93 1.86
N ASN A 78 3.64 8.96 0.99
CA ASN A 78 4.62 9.15 -0.06
C ASN A 78 4.08 8.66 -1.38
N TYR A 79 4.34 9.44 -2.43
CA TYR A 79 4.22 8.98 -3.79
C TYR A 79 5.17 7.83 -4.06
N ILE A 80 4.65 6.77 -4.68
CA ILE A 80 5.43 5.57 -4.95
C ILE A 80 5.42 5.31 -6.45
N ARG A 81 6.62 5.10 -7.01
CA ARG A 81 6.76 4.77 -8.43
C ARG A 81 6.29 3.35 -8.70
N GLY A 82 5.75 3.16 -9.90
CA GLY A 82 5.31 1.85 -10.34
C GLY A 82 6.38 1.13 -11.15
N TYR A 83 5.94 0.05 -11.82
CA TYR A 83 6.82 -0.71 -12.70
C TYR A 83 7.51 0.21 -13.71
N GLY A 84 8.82 0.03 -13.88
CA GLY A 84 9.52 0.83 -14.85
C GLY A 84 9.75 2.27 -14.44
N GLY A 85 9.52 2.61 -13.19
CA GLY A 85 9.78 3.94 -12.72
C GLY A 85 8.65 4.93 -12.88
N GLU A 86 7.49 4.50 -13.40
CA GLU A 86 6.38 5.44 -13.62
C GLU A 86 6.08 6.21 -12.35
N GLU A 87 5.92 7.51 -12.46
CA GLU A 87 5.72 8.34 -11.28
C GLU A 87 4.31 8.18 -10.72
N LYS A 88 4.21 8.22 -9.40
CA LYS A 88 2.96 8.45 -8.71
C LYS A 88 1.90 7.41 -9.03
N VAL A 89 2.32 6.17 -9.21
CA VAL A 89 1.36 5.10 -9.42
C VAL A 89 0.59 4.81 -8.13
N TYR A 90 1.26 4.85 -6.99
CA TYR A 90 0.62 4.59 -5.71
C TYR A 90 0.94 5.71 -4.74
N ILE A 91 0.16 5.77 -3.67
CA ILE A 91 0.55 6.50 -2.48
C ILE A 91 0.53 5.49 -1.36
N ALA A 92 1.66 5.38 -0.66
CA ALA A 92 1.77 4.58 0.55
C ALA A 92 1.63 5.48 1.79
N THR A 93 0.75 5.08 2.70
CA THR A 93 0.37 5.97 3.81
C THR A 93 -0.02 5.12 5.02
N GLN A 94 0.09 5.72 6.20
CA GLN A 94 -0.31 5.01 7.41
C GLN A 94 -1.81 4.90 7.47
N GLY A 95 -2.30 3.93 8.25
CA GLY A 95 -3.72 3.89 8.51
C GLY A 95 -4.07 5.19 9.23
N PRO A 96 -5.13 5.87 8.82
CA PRO A 96 -5.47 7.13 9.51
C PRO A 96 -5.66 6.90 11.00
N ILE A 97 -5.30 7.91 11.76
CA ILE A 97 -5.60 7.96 13.18
C ILE A 97 -6.68 9.01 13.40
N VAL A 98 -7.19 9.07 14.64
CA VAL A 98 -8.36 9.91 14.87
C VAL A 98 -8.12 11.32 14.35
N SER A 99 -6.95 11.86 14.59
CA SER A 99 -6.63 13.22 14.19
C SER A 99 -6.24 13.39 12.72
N THR A 100 -6.21 12.34 11.90
CA THR A 100 -5.81 12.49 10.50
C THR A 100 -6.81 11.92 9.50
N VAL A 101 -8.00 11.54 9.95
CA VAL A 101 -9.02 10.99 9.07
C VAL A 101 -9.47 12.02 8.06
N ALA A 102 -9.69 13.27 8.50
CA ALA A 102 -10.04 14.31 7.54
C ALA A 102 -8.89 14.56 6.56
N ASP A 103 -7.65 14.53 7.05
CA ASP A 103 -6.48 14.72 6.19
C ASP A 103 -6.41 13.64 5.12
N PHE A 104 -6.71 12.40 5.52
CA PHE A 104 -6.71 11.30 4.56
C PHE A 104 -7.72 11.54 3.46
N TRP A 105 -8.95 11.92 3.82
CA TRP A 105 -9.95 12.14 2.80
C TRP A 105 -9.61 13.35 1.98
N ARG A 106 -8.94 14.31 2.59
CA ARG A 106 -8.46 15.47 1.84
C ARG A 106 -7.50 15.03 0.76
N MET A 107 -6.60 14.11 1.11
CA MET A 107 -5.61 13.64 0.14
C MET A 107 -6.30 12.83 -0.95
N VAL A 108 -7.28 11.98 -0.59
CA VAL A 108 -8.05 11.24 -1.60
C VAL A 108 -8.64 12.20 -2.62
N TRP A 109 -9.30 13.26 -2.14
CA TRP A 109 -9.92 14.21 -3.07
C TRP A 109 -8.87 14.95 -3.89
N GLN A 110 -7.86 15.51 -3.23
CA GLN A 110 -6.83 16.29 -3.90
C GLN A 110 -6.11 15.44 -4.95
N GLU A 111 -5.92 14.16 -4.67
CA GLU A 111 -5.16 13.33 -5.59
C GLU A 111 -6.04 12.62 -6.61
N HIS A 112 -7.34 12.85 -6.61
CA HIS A 112 -8.24 12.15 -7.53
C HIS A 112 -8.11 10.64 -7.39
N THR A 113 -7.78 10.16 -6.19
CA THR A 113 -7.50 8.74 -6.01
C THR A 113 -8.73 7.92 -6.34
N PRO A 114 -8.63 6.88 -7.19
CA PRO A 114 -9.83 6.12 -7.60
C PRO A 114 -9.98 4.83 -6.84
N ILE A 115 -8.88 4.37 -6.22
CA ILE A 115 -8.83 3.08 -5.54
C ILE A 115 -8.03 3.25 -4.26
N ILE A 116 -8.54 2.67 -3.17
CA ILE A 116 -7.81 2.50 -1.92
C ILE A 116 -7.70 1.00 -1.65
N VAL A 117 -6.54 0.54 -1.18
CA VAL A 117 -6.32 -0.87 -0.90
C VAL A 117 -5.89 -0.91 0.57
N MET A 118 -6.72 -1.49 1.42
CA MET A 118 -6.52 -1.54 2.87
C MET A 118 -6.18 -2.99 3.22
N ILE A 119 -5.04 -3.19 3.87
N ILE A 119 -5.04 -3.20 3.86
CA ILE A 119 -4.54 -4.54 4.12
CA ILE A 119 -4.47 -4.54 3.96
C ILE A 119 -4.47 -4.73 5.62
C ILE A 119 -4.57 -5.03 5.40
N THR A 120 -5.58 -4.47 6.30
N THR A 120 -5.38 -6.07 5.61
CA THR A 120 -5.69 -4.50 7.75
CA THR A 120 -5.72 -6.51 6.94
C THR A 120 -6.79 -5.48 8.11
C THR A 120 -5.91 -8.02 6.91
N ASN A 121 -6.44 -6.49 8.89
N ASN A 121 -6.31 -8.58 8.05
CA ASN A 121 -7.38 -7.56 9.20
CA ASN A 121 -6.53 -10.01 8.23
C ASN A 121 -8.53 -7.04 10.03
C ASN A 121 -7.58 -10.16 9.32
N ILE A 122 -9.67 -7.73 9.93
N ILE A 122 -8.77 -10.65 8.95
CA ILE A 122 -10.84 -7.38 10.73
CA ILE A 122 -9.74 -11.07 9.95
C ILE A 122 -10.44 -7.28 12.19
C ILE A 122 -8.95 -11.81 11.01
N GLU A 123 -9.58 -8.19 12.61
N GLU A 123 -8.70 -11.14 12.14
CA GLU A 123 -9.14 -8.26 14.00
CA GLU A 123 -7.82 -11.63 13.18
C GLU A 123 -8.39 -7.00 14.42
C GLU A 123 -7.44 -10.50 14.14
N GLU A 124 -7.73 -6.32 13.47
N GLU A 124 -7.93 -9.29 13.87
CA GLU A 124 -6.78 -5.24 13.80
CA GLU A 124 -7.42 -8.09 14.52
C GLU A 124 -7.40 -3.86 13.76
C GLU A 124 -8.51 -7.05 14.77
N MET A 125 -8.73 -3.76 13.65
N MET A 125 -9.63 -7.12 14.03
CA MET A 125 -9.41 -2.46 13.71
CA MET A 125 -10.68 -6.10 14.12
C MET A 125 -9.53 -1.97 15.15
C MET A 125 -10.12 -4.75 13.70
N ASN A 126 -8.35 -1.89 15.80
N ASN A 126 -9.92 -3.82 14.64
CA ASN A 126 -8.21 -1.21 17.07
CA ASN A 126 -9.35 -2.51 14.35
C ASN A 126 -7.23 -0.07 16.81
C ASN A 126 -8.09 -2.23 15.17
N GLU A 127 -5.94 -0.25 17.09
N GLU A 127 -7.29 -3.28 15.42
CA GLU A 127 -4.95 0.81 16.92
CA GLU A 127 -6.00 -3.08 16.06
C GLU A 127 -4.03 0.54 15.73
C GLU A 127 -5.06 -2.24 15.20
N LYS A 128 -4.59 0.04 14.64
N LYS A 128 -5.43 -1.96 13.95
CA LYS A 128 -3.87 -0.21 13.39
CA LYS A 128 -4.50 -1.36 12.99
C LYS A 128 -4.53 0.44 12.20
C LYS A 128 -5.20 -0.61 11.85
N CYS A 129 -5.85 0.52 12.19
CA CYS A 129 -6.51 1.43 11.28
C CYS A 129 -7.84 1.92 11.87
N THR A 130 -7.93 3.22 12.10
CA THR A 130 -9.18 3.85 12.52
C THR A 130 -10.21 3.72 11.41
N GLU A 131 -11.34 3.07 11.67
CA GLU A 131 -12.46 3.16 10.75
C GLU A 131 -12.55 4.60 10.24
N TYR A 132 -12.34 4.80 8.94
CA TYR A 132 -12.39 6.15 8.40
C TYR A 132 -13.48 6.38 7.37
N TRP A 133 -14.25 5.34 7.00
CA TRP A 133 -15.39 5.44 6.09
C TRP A 133 -16.70 5.33 6.87
N PRO A 134 -17.81 5.79 6.31
CA PRO A 134 -19.08 5.74 7.04
C PRO A 134 -19.80 4.41 6.87
N GLU A 135 -20.91 4.29 7.58
CA GLU A 135 -21.83 3.19 7.31
C GLU A 135 -22.65 3.49 6.06
N GLU A 136 -23.18 4.72 5.97
CA GLU A 136 -23.65 5.23 4.69
C GLU A 136 -22.96 6.52 4.29
N GLN A 137 -23.05 7.57 5.11
CA GLN A 137 -22.65 8.90 4.68
C GLN A 137 -21.94 9.64 5.80
N VAL A 138 -20.90 10.39 5.44
CA VAL A 138 -20.15 11.25 6.35
C VAL A 138 -19.53 12.37 5.50
N ALA A 139 -18.97 13.37 6.17
CA ALA A 139 -18.37 14.48 5.45
C ALA A 139 -17.15 14.97 6.22
N TYR A 140 -16.09 15.26 5.47
CA TYR A 140 -14.86 15.79 6.04
C TYR A 140 -14.38 16.94 5.18
N ASP A 141 -13.84 17.96 5.86
CA ASP A 141 -13.39 19.23 5.29
C ASP A 141 -13.79 19.41 3.83
N GLY A 142 -15.08 19.22 3.56
CA GLY A 142 -15.66 19.57 2.28
C GLY A 142 -16.17 18.39 1.49
N VAL A 143 -15.86 17.17 1.91
CA VAL A 143 -16.07 15.99 1.08
C VAL A 143 -17.13 15.12 1.73
N GLU A 144 -18.26 14.98 1.03
CA GLU A 144 -19.32 14.04 1.39
C GLU A 144 -18.91 12.65 0.92
N ILE A 145 -18.68 11.75 1.85
CA ILE A 145 -18.32 10.37 1.54
C ILE A 145 -19.56 9.49 1.73
N THR A 146 -19.96 8.77 0.70
CA THR A 146 -21.10 7.86 0.81
C THR A 146 -20.74 6.45 0.36
N VAL A 147 -20.99 5.47 1.22
CA VAL A 147 -20.86 4.08 0.83
C VAL A 147 -22.13 3.66 0.10
N GLN A 148 -22.02 3.38 -1.22
CA GLN A 148 -23.19 3.01 -2.00
C GLN A 148 -23.46 1.51 -2.03
N LYS A 149 -22.44 0.68 -1.93
CA LYS A 149 -22.59 -0.75 -2.08
C LYS A 149 -21.42 -1.47 -1.45
N VAL A 150 -21.68 -2.67 -0.93
CA VAL A 150 -20.66 -3.48 -0.30
C VAL A 150 -20.66 -4.85 -0.97
N ILE A 151 -19.58 -5.16 -1.69
CA ILE A 151 -19.42 -6.44 -2.37
C ILE A 151 -18.44 -7.33 -1.60
N HIS A 152 -18.93 -8.47 -1.11
CA HIS A 152 -18.14 -9.39 -0.32
C HIS A 152 -17.60 -10.48 -1.23
N THR A 153 -16.30 -10.75 -1.14
CA THR A 153 -15.66 -11.89 -1.77
C THR A 153 -14.91 -12.66 -0.70
N GLU A 154 -14.27 -13.75 -1.12
CA GLU A 154 -13.66 -14.65 -0.16
C GLU A 154 -12.55 -13.99 0.62
N ASP A 155 -11.78 -13.09 -0.01
CA ASP A 155 -10.64 -12.47 0.70
C ASP A 155 -10.62 -10.94 0.75
N TYR A 156 -11.63 -10.27 0.20
CA TYR A 156 -11.74 -8.84 0.38
C TYR A 156 -13.21 -8.43 0.34
N ARG A 157 -13.47 -7.27 0.91
CA ARG A 157 -14.73 -6.57 0.75
C ARG A 157 -14.45 -5.30 -0.04
N LEU A 158 -15.22 -5.10 -1.10
CA LEU A 158 -15.10 -3.94 -1.97
C LEU A 158 -16.27 -3.02 -1.68
N ARG A 159 -15.96 -1.82 -1.21
CA ARG A 159 -16.98 -0.79 -1.10
C ARG A 159 -16.94 0.08 -2.34
N LEU A 160 -18.10 0.26 -2.97
CA LEU A 160 -18.27 1.27 -4.00
C LEU A 160 -18.72 2.55 -3.32
N ILE A 161 -17.98 3.62 -3.51
CA ILE A 161 -18.15 4.84 -2.73
C ILE A 161 -18.31 6.02 -3.68
N SER A 162 -19.17 6.98 -3.29
CA SER A 162 -19.24 8.27 -3.97
C SER A 162 -18.70 9.36 -3.07
N LEU A 163 -18.00 10.31 -3.67
CA LEU A 163 -17.51 11.51 -2.98
C LEU A 163 -18.15 12.72 -3.63
N LYS A 164 -18.98 13.42 -2.86
CA LYS A 164 -19.58 14.68 -3.29
C LYS A 164 -18.83 15.82 -2.60
N SER A 165 -18.55 16.86 -3.37
CA SER A 165 -17.92 18.06 -2.82
C SER A 165 -18.39 19.20 -3.71
N GLY A 166 -19.08 20.18 -3.13
CA GLY A 166 -19.74 21.16 -3.96
C GLY A 166 -20.61 20.44 -4.97
N THR A 167 -20.35 20.66 -6.25
CA THR A 167 -21.13 20.03 -7.30
C THR A 167 -20.40 18.86 -7.98
N GLU A 168 -19.20 18.51 -7.54
CA GLU A 168 -18.46 17.39 -8.12
C GLU A 168 -18.80 16.10 -7.39
N GLU A 169 -19.12 15.06 -8.16
CA GLU A 169 -19.22 13.70 -7.68
C GLU A 169 -18.10 12.88 -8.32
N ARG A 170 -17.45 12.04 -7.53
CA ARG A 170 -16.46 11.14 -8.05
C ARG A 170 -16.73 9.77 -7.47
N GLY A 171 -16.27 8.75 -8.15
CA GLY A 171 -16.34 7.41 -7.66
C GLY A 171 -15.04 7.04 -6.96
N LEU A 172 -15.13 6.02 -6.12
CA LEU A 172 -13.99 5.47 -5.41
C LEU A 172 -14.30 4.03 -5.10
N LYS A 173 -13.30 3.17 -5.29
CA LYS A 173 -13.37 1.76 -4.92
C LYS A 173 -12.46 1.51 -3.70
N HIS A 174 -13.03 0.97 -2.63
CA HIS A 174 -12.25 0.69 -1.42
C HIS A 174 -12.16 -0.81 -1.25
N TYR A 175 -10.95 -1.34 -1.44
CA TYR A 175 -10.68 -2.77 -1.31
C TYR A 175 -10.17 -3.00 0.09
N TRP A 176 -10.88 -3.82 0.84
CA TRP A 176 -10.57 -4.13 2.23
C TRP A 176 -10.18 -5.60 2.25
N PHE A 177 -8.89 -5.85 2.16
CA PHE A 177 -8.38 -7.21 2.14
C PHE A 177 -8.35 -7.77 3.55
N THR A 178 -8.81 -9.03 3.68
CA THR A 178 -9.10 -9.61 4.99
C THR A 178 -8.27 -10.84 5.28
N SER A 179 -7.33 -11.21 4.41
CA SER A 179 -6.61 -12.46 4.52
C SER A 179 -5.09 -12.29 4.65
N TRP A 180 -4.64 -11.19 5.29
CA TRP A 180 -3.22 -11.04 5.54
C TRP A 180 -2.76 -12.13 6.52
N PRO A 181 -1.71 -12.87 6.20
CA PRO A 181 -1.37 -14.02 7.05
C PRO A 181 -0.44 -13.67 8.20
N ASP A 182 -0.62 -14.41 9.30
CA ASP A 182 0.34 -14.38 10.41
C ASP A 182 1.63 -15.09 10.02
N GLN A 183 1.52 -16.33 9.63
CA GLN A 183 2.64 -17.08 9.08
C GLN A 183 2.62 -16.92 7.57
N LYS A 184 3.73 -16.43 7.01
CA LYS A 184 3.79 -16.05 5.60
C LYS A 184 4.18 -17.22 4.75
N THR A 185 3.47 -18.31 4.89
CA THR A 185 3.79 -19.52 4.16
C THR A 185 3.13 -19.54 2.78
N PRO A 186 3.60 -20.39 1.88
CA PRO A 186 3.09 -20.32 0.50
C PRO A 186 1.59 -20.54 0.36
N ASP A 187 0.94 -21.28 1.24
CA ASP A 187 -0.50 -21.49 1.12
C ASP A 187 -1.30 -20.24 1.42
N ARG A 188 -0.66 -19.19 1.91
CA ARG A 188 -1.30 -17.89 2.04
C ARG A 188 -1.06 -16.98 0.84
N ALA A 189 -0.38 -17.44 -0.19
CA ALA A 189 -0.09 -16.51 -1.28
C ALA A 189 -1.27 -16.21 -2.21
N PRO A 190 -2.15 -17.17 -2.48
CA PRO A 190 -3.14 -16.96 -3.60
C PRO A 190 -4.05 -15.77 -3.38
N PRO A 191 -4.55 -15.50 -2.16
CA PRO A 191 -5.42 -14.31 -2.02
C PRO A 191 -4.69 -12.99 -2.31
N LEU A 192 -3.42 -12.90 -1.90
CA LEU A 192 -2.70 -11.68 -2.20
C LEU A 192 -2.53 -11.50 -3.71
N LEU A 193 -2.18 -12.58 -4.39
CA LEU A 193 -2.05 -12.55 -5.83
C LEU A 193 -3.37 -12.17 -6.49
N HIS A 194 -4.46 -12.76 -6.00
CA HIS A 194 -5.79 -12.38 -6.45
C HIS A 194 -6.04 -10.89 -6.29
N LEU A 195 -5.77 -10.36 -5.08
CA LEU A 195 -6.03 -8.95 -4.82
C LEU A 195 -5.23 -8.06 -5.76
N VAL A 196 -3.94 -8.39 -5.93
CA VAL A 196 -3.10 -7.62 -6.86
C VAL A 196 -3.69 -7.62 -8.26
N ARG A 197 -4.18 -8.77 -8.72
CA ARG A 197 -4.67 -8.85 -10.09
C ARG A 197 -5.97 -8.11 -10.25
N GLU A 198 -6.81 -8.17 -9.22
CA GLU A 198 -8.08 -7.46 -9.28
C GLU A 198 -7.83 -5.95 -9.26
N VAL A 199 -6.94 -5.48 -8.41
N VAL A 199 -6.92 -5.49 -8.42
CA VAL A 199 -6.68 -4.04 -8.34
CA VAL A 199 -6.59 -4.07 -8.41
C VAL A 199 -6.11 -3.54 -9.66
C VAL A 199 -5.83 -3.69 -9.68
N GLU A 200 -5.22 -4.30 -10.29
N GLU A 200 -5.05 -4.62 -10.25
CA GLU A 200 -4.65 -3.87 -11.56
CA GLU A 200 -4.42 -4.33 -11.53
C GLU A 200 -5.74 -3.75 -12.62
C GLU A 200 -5.47 -4.04 -12.59
N GLU A 201 -6.64 -4.73 -12.68
N GLU A 201 -6.59 -4.75 -12.53
CA GLU A 201 -7.76 -4.62 -13.60
CA GLU A 201 -7.63 -4.58 -13.54
C GLU A 201 -8.61 -3.40 -13.27
C GLU A 201 -8.52 -3.38 -13.25
N ALA A 202 -8.86 -3.14 -11.98
CA ALA A 202 -9.60 -1.92 -11.63
C ALA A 202 -8.84 -0.68 -12.09
N ALA A 203 -7.53 -0.67 -11.90
CA ALA A 203 -6.73 0.50 -12.25
C ALA A 203 -6.74 0.77 -13.76
N GLN A 204 -6.64 -0.29 -14.54
CA GLN A 204 -6.69 -0.14 -16.00
C GLN A 204 -8.03 0.31 -16.49
N GLN A 205 -9.10 -0.04 -15.78
CA GLN A 205 -10.43 0.47 -16.11
C GLN A 205 -10.52 1.97 -15.97
N GLU A 206 -9.63 2.60 -15.20
CA GLU A 206 -9.61 4.06 -15.15
C GLU A 206 -9.06 4.72 -16.40
N GLY A 207 -8.47 3.98 -17.32
CA GLY A 207 -7.93 4.59 -18.52
C GLY A 207 -6.56 5.22 -18.34
N PRO A 208 -6.14 5.95 -19.35
CA PRO A 208 -4.76 6.49 -19.35
C PRO A 208 -4.48 7.41 -18.14
N HIS A 209 -3.26 7.30 -17.63
CA HIS A 209 -2.75 8.15 -16.54
C HIS A 209 -3.65 8.07 -15.32
N CYS A 210 -3.81 6.84 -14.85
CA CYS A 210 -4.55 6.59 -13.62
C CYS A 210 -3.94 7.44 -12.52
N ALA A 211 -4.81 8.09 -11.75
CA ALA A 211 -4.40 8.82 -10.56
C ALA A 211 -3.90 7.83 -9.51
N PRO A 212 -3.22 8.33 -8.47
CA PRO A 212 -2.54 7.41 -7.53
C PRO A 212 -3.48 6.50 -6.75
N ILE A 213 -3.09 5.25 -6.65
CA ILE A 213 -3.81 4.27 -5.82
C ILE A 213 -3.25 4.30 -4.40
N ILE A 214 -4.13 4.52 -3.41
CA ILE A 214 -3.69 4.59 -2.00
C ILE A 214 -3.65 3.18 -1.45
N VAL A 215 -2.54 2.84 -0.80
CA VAL A 215 -2.39 1.56 -0.17
C VAL A 215 -1.97 1.82 1.28
N HIS A 216 -2.57 1.07 2.22
N HIS A 216 -2.64 1.16 2.23
CA HIS A 216 -2.21 1.23 3.63
CA HIS A 216 -2.20 1.37 3.60
C HIS A 216 -2.62 0.02 4.46
C HIS A 216 -2.43 0.15 4.46
N CYS A 217 -1.93 -0.14 5.61
N CYS A 217 -1.60 0.05 5.50
CA CYS A 217 -2.50 -0.83 6.78
CA CYS A 217 -1.61 -0.97 6.54
C CYS A 217 -2.27 0.07 7.99
C CYS A 217 -1.71 -0.19 7.84
N SER A 218 -1.18 -0.18 8.72
N SER A 218 -0.82 -0.41 8.81
CA SER A 218 -0.83 0.57 9.92
CA SER A 218 -0.79 0.48 9.96
C SER A 218 0.27 1.61 9.70
C SER A 218 0.28 1.57 9.77
N ALA A 219 1.51 1.18 9.45
CA ALA A 219 2.60 2.14 9.26
C ALA A 219 2.76 2.61 7.81
N GLY A 220 2.13 1.96 6.88
CA GLY A 220 2.24 2.30 5.48
C GLY A 220 3.47 1.79 4.81
N ILE A 221 4.17 0.81 5.40
CA ILE A 221 5.42 0.34 4.80
C ILE A 221 5.54 -1.17 4.61
N GLY A 222 5.03 -1.97 5.55
CA GLY A 222 5.34 -3.39 5.46
C GLY A 222 4.44 -4.18 4.51
N ARG A 223 3.19 -4.36 4.93
CA ARG A 223 2.18 -4.97 4.08
C ARG A 223 1.98 -4.15 2.82
N THR A 224 1.95 -2.82 2.98
CA THR A 224 1.88 -1.89 1.84
C THR A 224 3.01 -2.16 0.84
N GLY A 225 4.23 -2.34 1.34
CA GLY A 225 5.34 -2.60 0.45
C GLY A 225 5.21 -3.95 -0.24
N CYS A 226 4.70 -4.94 0.48
N CYS A 226 4.69 -4.95 0.47
CA CYS A 226 4.50 -6.25 -0.14
CA CYS A 226 4.52 -6.27 -0.13
C CYS A 226 3.53 -6.15 -1.30
C CYS A 226 3.48 -6.25 -1.24
N PHE A 227 2.43 -5.44 -1.09
CA PHE A 227 1.39 -5.39 -2.09
C PHE A 227 1.89 -4.64 -3.31
N ILE A 228 2.60 -3.53 -3.09
CA ILE A 228 3.12 -2.79 -4.25
C ILE A 228 4.24 -3.55 -4.93
N ALA A 229 5.10 -4.21 -4.16
CA ALA A 229 6.21 -4.91 -4.79
C ALA A 229 5.69 -6.05 -5.62
N THR A 230 4.68 -6.74 -5.10
CA THR A 230 4.05 -7.83 -5.82
C THR A 230 3.38 -7.32 -7.08
N SER A 231 2.73 -6.16 -6.98
CA SER A 231 2.10 -5.58 -8.18
C SER A 231 3.14 -5.30 -9.24
N ILE A 232 4.23 -4.63 -8.83
CA ILE A 232 5.31 -4.28 -9.74
C ILE A 232 5.90 -5.53 -10.36
N CYS A 233 6.21 -6.55 -9.54
CA CYS A 233 6.89 -7.72 -10.10
C CYS A 233 5.96 -8.57 -10.98
N CYS A 234 4.65 -8.56 -10.72
CA CYS A 234 3.73 -9.22 -11.65
C CYS A 234 3.82 -8.63 -13.06
N GLN A 235 3.83 -7.29 -13.17
CA GLN A 235 4.08 -6.64 -14.46
C GLN A 235 5.42 -7.08 -15.01
N GLN A 236 6.46 -7.05 -14.17
CA GLN A 236 7.78 -7.40 -14.64
C GLN A 236 7.77 -8.82 -15.17
N LEU A 237 7.17 -9.75 -14.41
CA LEU A 237 7.16 -11.12 -14.90
C LEU A 237 6.44 -11.21 -16.26
N ARG A 238 5.23 -10.65 -16.35
CA ARG A 238 4.50 -10.70 -17.61
C ARG A 238 5.29 -10.06 -18.74
N GLN A 239 5.97 -8.94 -18.45
CA GLN A 239 6.63 -8.18 -19.51
C GLN A 239 8.00 -8.75 -19.88
N GLU A 240 8.76 -9.22 -18.89
CA GLU A 240 10.17 -9.53 -19.05
C GLU A 240 10.49 -11.00 -18.90
N GLY A 241 9.57 -11.79 -18.37
CA GLY A 241 9.82 -13.21 -18.14
C GLY A 241 10.66 -13.49 -16.92
N VAL A 242 10.99 -12.47 -16.14
CA VAL A 242 11.78 -12.58 -14.91
C VAL A 242 11.16 -11.66 -13.85
N VAL A 243 11.58 -11.86 -12.59
CA VAL A 243 11.33 -10.89 -11.53
C VAL A 243 12.66 -10.46 -10.92
N ASP A 244 12.68 -9.23 -10.45
CA ASP A 244 13.84 -8.67 -9.75
C ASP A 244 13.24 -8.08 -8.47
N ILE A 245 13.00 -8.96 -7.49
CA ILE A 245 12.38 -8.48 -6.27
C ILE A 245 13.32 -7.57 -5.52
N LEU A 246 14.62 -7.83 -5.58
CA LEU A 246 15.59 -7.02 -4.85
C LEU A 246 15.63 -5.61 -5.42
N LYS A 247 15.70 -5.51 -6.76
CA LYS A 247 15.71 -4.18 -7.36
C LYS A 247 14.41 -3.42 -7.09
N THR A 248 13.26 -4.12 -7.20
CA THR A 248 11.97 -3.51 -6.90
C THR A 248 11.90 -3.00 -5.46
N THR A 249 12.36 -3.80 -4.52
CA THR A 249 12.40 -3.37 -3.13
C THR A 249 13.28 -2.14 -2.96
N CYS A 250 14.43 -2.11 -3.66
CA CYS A 250 15.28 -0.93 -3.62
C CYS A 250 14.56 0.30 -4.16
N GLN A 251 13.91 0.14 -5.32
CA GLN A 251 13.08 1.23 -5.83
C GLN A 251 12.09 1.72 -4.80
N LEU A 252 11.42 0.79 -4.10
CA LEU A 252 10.40 1.17 -3.16
C LEU A 252 10.99 1.96 -1.99
N ARG A 253 12.11 1.46 -1.47
CA ARG A 253 12.81 2.11 -0.37
C ARG A 253 13.26 3.51 -0.72
N GLN A 254 13.65 3.73 -1.99
CA GLN A 254 13.99 5.08 -2.42
C GLN A 254 12.80 6.02 -2.31
N ASP A 255 11.60 5.50 -2.58
CA ASP A 255 10.39 6.29 -2.50
C ASP A 255 9.95 6.50 -1.05
N ARG A 256 10.09 5.48 -0.21
CA ARG A 256 9.58 5.55 1.16
C ARG A 256 10.35 4.57 2.04
N GLY A 257 10.93 5.07 3.14
CA GLY A 257 11.77 4.20 3.95
C GLY A 257 10.99 3.07 4.61
N GLY A 258 11.60 1.89 4.63
CA GLY A 258 11.02 0.76 5.34
C GLY A 258 10.11 -0.10 4.51
N MET A 259 9.82 0.29 3.28
CA MET A 259 8.96 -0.49 2.40
C MET A 259 9.39 -1.96 2.35
N ILE A 260 8.46 -2.84 2.72
CA ILE A 260 8.71 -4.24 3.04
C ILE A 260 9.62 -4.27 4.28
N GLN A 261 8.99 -4.38 5.41
CA GLN A 261 9.65 -4.09 6.69
C GLN A 261 10.33 -5.31 7.27
N THR A 262 9.82 -6.50 7.04
CA THR A 262 10.35 -7.69 7.67
C THR A 262 10.79 -8.73 6.65
N CYS A 263 11.65 -9.64 7.09
N CYS A 263 11.67 -9.64 7.08
CA CYS A 263 12.15 -10.66 6.19
CA CYS A 263 12.16 -10.67 6.16
C CYS A 263 11.05 -11.65 5.83
C CYS A 263 11.06 -11.68 5.83
N GLU A 264 10.15 -11.93 6.77
CA GLU A 264 9.00 -12.74 6.47
C GLU A 264 8.18 -12.12 5.36
N GLN A 265 7.99 -10.81 5.38
CA GLN A 265 7.29 -10.12 4.30
C GLN A 265 8.03 -10.27 2.99
N TYR A 266 9.37 -10.14 3.02
CA TYR A 266 10.19 -10.26 1.82
C TYR A 266 10.07 -11.66 1.22
N GLN A 267 10.16 -12.69 2.05
CA GLN A 267 10.00 -14.06 1.56
C GLN A 267 8.60 -14.25 0.98
N PHE A 268 7.59 -13.68 1.65
CA PHE A 268 6.20 -13.81 1.18
C PHE A 268 6.07 -13.28 -0.25
N VAL A 269 6.62 -12.10 -0.55
CA VAL A 269 6.62 -11.64 -1.95
C VAL A 269 7.23 -12.71 -2.86
N HIS A 270 8.27 -13.38 -2.38
CA HIS A 270 8.87 -14.41 -3.22
C HIS A 270 7.92 -15.58 -3.42
N HIS A 271 7.22 -16.00 -2.35
CA HIS A 271 6.25 -17.09 -2.50
C HIS A 271 5.18 -16.70 -3.53
N VAL A 272 4.70 -15.46 -3.43
CA VAL A 272 3.63 -15.00 -4.31
C VAL A 272 4.08 -15.00 -5.75
N MET A 273 5.28 -14.43 -6.04
CA MET A 273 5.83 -14.46 -7.40
C MET A 273 6.12 -15.88 -7.89
N SER A 274 6.59 -16.75 -7.01
CA SER A 274 6.79 -18.14 -7.41
C SER A 274 5.46 -18.79 -7.81
N LEU A 275 4.41 -18.54 -7.02
CA LEU A 275 3.09 -19.06 -7.36
C LEU A 275 2.67 -18.57 -8.74
N TYR A 276 2.83 -17.27 -8.97
CA TYR A 276 2.35 -16.68 -10.21
C TYR A 276 3.15 -17.19 -11.41
N GLU A 277 4.46 -17.32 -11.26
N GLU A 277 4.46 -17.33 -11.25
CA GLU A 277 5.23 -17.91 -12.36
CA GLU A 277 5.25 -17.91 -12.32
C GLU A 277 4.65 -19.28 -12.70
C GLU A 277 4.72 -19.28 -12.69
N LYS A 278 4.32 -20.08 -11.68
CA LYS A 278 3.79 -21.41 -11.95
C LYS A 278 2.45 -21.31 -12.66
N GLN A 279 1.59 -20.41 -12.20
CA GLN A 279 0.31 -20.22 -12.86
C GLN A 279 0.49 -19.89 -14.32
N LEU A 280 1.45 -19.02 -14.63
CA LEU A 280 1.64 -18.58 -16.00
C LEU A 280 2.23 -19.67 -16.88
N SER A 281 3.02 -20.57 -16.31
CA SER A 281 3.70 -21.60 -17.09
C SER A 281 2.77 -22.74 -17.47
N HIS A 282 1.61 -22.86 -16.84
CA HIS A 282 0.61 -23.85 -17.26
C HIS A 282 -0.54 -23.25 -18.05
S SO4 B . 2.79 -8.28 9.58
O1 SO4 B . 3.20 -8.82 8.30
O2 SO4 B . 3.99 -8.20 10.39
O3 SO4 B . 1.95 -9.36 10.06
O4 SO4 B . 2.20 -6.99 9.54
S SO4 C . 2.01 -1.69 7.20
O1 SO4 C . 3.31 -1.12 7.65
O2 SO4 C . 2.12 -2.93 6.50
O3 SO4 C . 1.16 -1.89 8.39
O4 SO4 C . 1.30 -0.82 6.25
C1 GOL D . 16.90 -3.44 8.02
O1 GOL D . 17.88 -2.50 8.36
C2 GOL D . 16.91 -3.44 6.46
O2 GOL D . 18.18 -3.73 5.99
C3 GOL D . 15.83 -4.43 6.00
O3 GOL D . 15.97 -4.54 4.60
H11 GOL D . 16.02 -3.20 8.37
H12 GOL D . 17.08 -4.33 8.37
HO1 GOL D . 18.63 -2.88 8.20
H2 GOL D . 16.66 -2.57 6.10
HO2 GOL D . 18.52 -4.33 6.53
H31 GOL D . 14.96 -4.12 6.29
H32 GOL D . 15.96 -5.28 6.46
HO3 GOL D . 15.65 -5.30 4.37
#